data_2G8G
#
_entry.id   2G8G
#
_cell.length_a   339.6
_cell.length_b   319.2
_cell.length_c   285.0
_cell.angle_alpha   90.00
_cell.angle_beta   90.00
_cell.angle_gamma   90.00
#
_symmetry.space_group_name_H-M   'I 2 2 2'
#
loop_
_entity.id
_entity.type
_entity.pdbx_description
1 polymer Capsid
2 non-polymer "2'-DEOXYADENOSINE-5'-MONOPHOSPHATE"
3 water water
#
_entity_poly.entity_id   1
_entity_poly.type   'polypeptide(L)'
_entity_poly.pdbx_seq_one_letter_code
;GADGVGNASGDWHCDSTWSEGHVTTTSTRTWVLPTYNNHLYKRLGESLQSNTYNGFSTPWGYFDFNRFHCHFSPRDWQRL
INNNWGMRPKAMRVKIFNIQVKEVTTSNGETTVANNLTSTVQIFADSSYELPYVMDAGQEGSLPPFPNDVFMVPQYGYCG
LVTGNTSQQQTDRNAFYCLEYFPSQMLRTGNNFEITYSFEKVPFHSMYAHSQSLDRLMNPLIDQYLWGLQSTTTGTTLNA
GTATTNFTKLRPTNFSNFKKNWLPGPSIKQQGFSKTANQNYKIPATGSDSLIKYETHSTLDGRWSALTPGPPMATAGPAD
SKFSNSQLIFAGPKQNGNTATVPGTLIFTSEEELAATNATDTDMWGNLPGGDQSNSNLPTVDRLTALGAVPGMVWQNRDI
YYQGPIWAKIPHTDGHFHPSPLIGGFGLKHPPPQIFIKNTPVPANPATTFSSTPVNSFITQYSTGQVSVQIDWEIQKERS
KRWNPEVQFTSNYGQQNSLLWAPDAAGKYTEPRAIGTRYLTHHL
;
_entity_poly.pdbx_strand_id   A
#
# COMPACT_ATOMS: atom_id res chain seq x y z
N GLY A 1 -16.31 7.06 -29.34
CA GLY A 1 -15.24 6.16 -29.88
C GLY A 1 -15.80 5.02 -30.72
N ALA A 2 -15.68 5.15 -32.05
CA ALA A 2 -16.17 4.13 -32.98
C ALA A 2 -15.76 4.35 -34.47
N ASP A 3 -14.94 3.45 -35.00
CA ASP A 3 -14.53 3.53 -36.40
C ASP A 3 -14.42 2.16 -37.11
N GLY A 4 -13.46 2.02 -38.03
CA GLY A 4 -13.33 0.77 -38.77
C GLY A 4 -12.42 -0.34 -38.25
N VAL A 5 -12.37 -1.44 -38.99
CA VAL A 5 -11.55 -2.58 -38.61
C VAL A 5 -10.06 -2.37 -38.83
N GLY A 6 -9.72 -1.76 -39.96
CA GLY A 6 -8.32 -1.50 -40.27
C GLY A 6 -7.94 -0.07 -39.93
N ASN A 7 -8.28 0.35 -38.73
CA ASN A 7 -8.00 1.69 -38.28
C ASN A 7 -7.69 1.70 -36.80
N ALA A 8 -6.43 1.92 -36.44
CA ALA A 8 -6.07 1.95 -35.02
C ALA A 8 -7.09 2.83 -34.29
N SER A 9 -7.53 2.40 -33.11
CA SER A 9 -8.50 3.17 -32.35
C SER A 9 -7.86 3.99 -31.23
N GLY A 10 -6.56 4.21 -31.34
CA GLY A 10 -5.83 4.97 -30.33
C GLY A 10 -4.34 4.85 -30.56
N ASP A 11 -3.56 5.73 -29.95
CA ASP A 11 -2.11 5.72 -30.12
C ASP A 11 -1.38 5.49 -28.81
N TRP A 12 -0.08 5.21 -28.90
CA TRP A 12 0.76 4.92 -27.74
C TRP A 12 1.37 6.16 -27.09
N HIS A 13 0.94 6.48 -25.87
CA HIS A 13 1.49 7.65 -25.21
C HIS A 13 2.15 7.32 -23.87
N CYS A 14 3.44 7.63 -23.78
CA CYS A 14 4.23 7.42 -22.59
C CYS A 14 5.03 8.69 -22.34
N ASP A 15 4.30 9.75 -22.02
CA ASP A 15 4.86 11.08 -21.78
C ASP A 15 5.68 11.05 -20.47
N SER A 16 5.83 12.28 -19.94
CA SER A 16 6.46 12.69 -18.66
C SER A 16 6.53 14.25 -18.71
N THR A 17 5.64 15.08 -18.17
CA THR A 17 5.89 16.55 -18.36
C THR A 17 5.96 17.32 -17.05
N TRP A 18 7.16 17.79 -16.74
CA TRP A 18 7.34 18.54 -15.52
C TRP A 18 7.11 20.03 -15.73
N SER A 19 6.98 20.75 -14.62
CA SER A 19 6.75 22.18 -14.66
C SER A 19 6.66 22.74 -13.24
N GLU A 20 6.30 24.00 -13.17
CA GLU A 20 6.13 24.72 -11.91
C GLU A 20 6.01 23.78 -10.71
N GLY A 21 4.77 23.37 -10.48
CA GLY A 21 4.45 22.49 -9.39
C GLY A 21 3.38 21.52 -9.83
N HIS A 22 3.45 21.14 -11.10
CA HIS A 22 2.51 20.20 -11.66
C HIS A 22 3.33 19.26 -12.53
N VAL A 23 3.07 17.96 -12.44
CA VAL A 23 3.77 16.96 -13.27
C VAL A 23 2.72 15.99 -13.80
N THR A 24 2.79 15.70 -15.10
CA THR A 24 1.81 14.80 -15.68
C THR A 24 2.42 13.55 -16.25
N THR A 25 2.12 12.43 -15.62
CA THR A 25 2.64 11.17 -16.09
C THR A 25 1.60 10.53 -16.98
N THR A 26 2.06 9.99 -18.10
CA THR A 26 1.19 9.33 -19.04
C THR A 26 1.90 8.03 -19.43
N SER A 27 1.18 6.91 -19.36
CA SER A 27 1.77 5.64 -19.73
C SER A 27 0.76 4.63 -20.30
N THR A 28 1.24 3.85 -21.25
CA THR A 28 0.45 2.85 -21.94
C THR A 28 1.10 1.47 -21.81
N ARG A 29 0.27 0.42 -21.80
CA ARG A 29 0.77 -0.96 -21.69
C ARG A 29 -0.19 -1.85 -22.50
N THR A 30 0.31 -2.99 -22.98
CA THR A 30 -0.53 -3.93 -23.72
C THR A 30 -1.04 -4.96 -22.73
N TRP A 31 -2.27 -5.43 -22.88
CA TRP A 31 -2.80 -6.40 -21.93
C TRP A 31 -3.47 -7.60 -22.60
N VAL A 32 -3.74 -8.63 -21.82
CA VAL A 32 -4.42 -9.83 -22.31
C VAL A 32 -5.55 -10.19 -21.38
N LEU A 33 -6.68 -10.56 -21.95
CA LEU A 33 -7.83 -10.94 -21.15
C LEU A 33 -8.29 -12.33 -21.51
N PRO A 34 -8.30 -13.23 -20.52
CA PRO A 34 -8.72 -14.62 -20.65
C PRO A 34 -10.21 -14.72 -20.45
N THR A 35 -10.70 -15.94 -20.24
CA THR A 35 -12.12 -16.13 -20.00
C THR A 35 -12.15 -16.72 -18.60
N TYR A 36 -12.33 -15.85 -17.60
CA TYR A 36 -12.32 -16.27 -16.20
C TYR A 36 -13.48 -17.13 -15.74
N ASN A 37 -13.19 -18.08 -14.84
CA ASN A 37 -14.21 -18.97 -14.31
C ASN A 37 -15.05 -19.55 -15.44
N ASN A 38 -14.40 -19.78 -16.58
CA ASN A 38 -15.11 -20.28 -17.74
C ASN A 38 -16.50 -19.65 -17.89
N HIS A 39 -16.53 -18.33 -17.84
CA HIS A 39 -17.76 -17.57 -18.01
C HIS A 39 -18.73 -17.42 -16.86
N LEU A 40 -18.53 -18.13 -15.76
CA LEU A 40 -19.49 -18.02 -14.66
C LEU A 40 -19.04 -17.51 -13.30
N TYR A 41 -20.03 -17.14 -12.49
CA TYR A 41 -19.78 -16.63 -11.15
C TYR A 41 -19.72 -17.85 -10.25
N LYS A 42 -18.74 -17.89 -9.37
CA LYS A 42 -18.61 -19.02 -8.45
C LYS A 42 -18.57 -18.51 -7.01
N ARG A 43 -19.40 -19.12 -6.16
CA ARG A 43 -19.44 -18.75 -4.76
C ARG A 43 -18.20 -19.26 -4.07
N LEU A 44 -17.48 -18.36 -3.40
CA LEU A 44 -16.27 -18.72 -2.69
C LEU A 44 -16.55 -18.88 -1.21
N GLY A 45 -15.78 -19.76 -0.56
CA GLY A 45 -15.95 -20.00 0.86
C GLY A 45 -15.01 -21.10 1.33
N GLU A 46 -14.54 -20.99 2.56
CA GLU A 46 -13.61 -21.97 3.10
C GLU A 46 -13.41 -21.67 4.58
N SER A 47 -13.88 -22.56 5.45
CA SER A 47 -13.76 -22.35 6.89
C SER A 47 -12.34 -22.62 7.34
N LEU A 48 -11.58 -21.57 7.67
CA LEU A 48 -10.20 -21.76 8.11
C LEU A 48 -9.89 -21.07 9.44
N GLN A 49 -10.83 -21.14 10.38
CA GLN A 49 -10.68 -20.58 11.70
C GLN A 49 -9.80 -19.34 11.68
N SER A 50 -10.27 -18.13 11.47
CA SER A 50 -9.42 -16.94 11.50
C SER A 50 -8.96 -16.54 10.10
N ASN A 51 -8.95 -17.52 9.23
CA ASN A 51 -8.60 -17.23 7.83
C ASN A 51 -9.83 -17.53 7.05
N THR A 52 -10.87 -17.83 7.86
CA THR A 52 -12.18 -18.10 7.36
C THR A 52 -12.57 -16.94 6.47
N TYR A 53 -13.20 -17.26 5.35
CA TYR A 53 -13.62 -16.23 4.41
C TYR A 53 -14.71 -16.81 3.51
N ASN A 54 -15.46 -15.93 2.87
CA ASN A 54 -16.50 -16.33 1.95
C ASN A 54 -16.62 -15.18 0.95
N GLY A 55 -17.29 -15.44 -0.17
CA GLY A 55 -17.43 -14.41 -1.17
C GLY A 55 -17.88 -14.97 -2.50
N PHE A 56 -17.32 -14.42 -3.58
CA PHE A 56 -17.62 -14.83 -4.95
C PHE A 56 -16.46 -14.47 -5.91
N SER A 57 -16.29 -15.28 -6.95
CA SER A 57 -15.27 -15.00 -7.95
C SER A 57 -16.07 -14.74 -9.21
N THR A 58 -15.76 -13.64 -9.89
CA THR A 58 -16.48 -13.22 -11.09
C THR A 58 -15.77 -13.55 -12.40
N PRO A 59 -16.51 -13.49 -13.53
CA PRO A 59 -15.99 -13.76 -14.87
C PRO A 59 -15.32 -12.52 -15.44
N TRP A 60 -15.31 -11.45 -14.65
CA TRP A 60 -14.73 -10.19 -15.07
C TRP A 60 -13.31 -9.93 -14.62
N GLY A 61 -12.60 -9.13 -15.40
CA GLY A 61 -11.24 -8.73 -15.09
C GLY A 61 -11.30 -7.26 -14.69
N TYR A 62 -10.17 -6.65 -14.39
CA TYR A 62 -10.20 -5.24 -14.01
C TYR A 62 -8.84 -4.56 -14.07
N PHE A 63 -8.85 -3.30 -14.47
CA PHE A 63 -7.61 -2.55 -14.56
C PHE A 63 -7.27 -1.95 -13.21
N ASP A 64 -6.00 -2.07 -12.85
CA ASP A 64 -5.52 -1.55 -11.57
C ASP A 64 -4.25 -0.75 -11.82
N PHE A 65 -4.25 0.53 -11.43
CA PHE A 65 -3.05 1.34 -11.61
C PHE A 65 -2.63 1.92 -10.27
N ASN A 66 -3.00 1.23 -9.19
CA ASN A 66 -2.70 1.75 -7.86
C ASN A 66 -1.28 1.52 -7.32
N ARG A 67 -0.30 1.64 -8.22
CA ARG A 67 1.10 1.50 -7.87
C ARG A 67 1.91 2.61 -8.53
N PHE A 68 2.67 3.33 -7.71
CA PHE A 68 3.45 4.42 -8.25
C PHE A 68 4.31 4.10 -9.45
N HIS A 69 4.98 2.95 -9.48
CA HIS A 69 5.84 2.66 -10.62
C HIS A 69 5.08 2.45 -11.94
N CYS A 70 3.75 2.46 -11.86
CA CYS A 70 2.92 2.32 -13.05
C CYS A 70 2.97 3.61 -13.84
N HIS A 71 3.29 4.69 -13.15
CA HIS A 71 3.31 5.99 -13.77
C HIS A 71 4.67 6.63 -13.91
N PHE A 72 5.42 6.72 -12.82
CA PHE A 72 6.75 7.32 -12.94
C PHE A 72 7.83 6.30 -13.30
N SER A 73 8.88 6.79 -13.98
CA SER A 73 10.06 6.01 -14.35
C SER A 73 11.04 6.20 -13.23
N PRO A 74 12.12 5.40 -13.21
CA PRO A 74 13.08 5.58 -12.12
C PRO A 74 13.51 7.03 -11.98
N ARG A 75 14.07 7.54 -13.06
CA ARG A 75 14.53 8.91 -13.16
C ARG A 75 13.47 9.89 -12.70
N ASP A 76 12.23 9.72 -13.12
CA ASP A 76 11.16 10.61 -12.68
C ASP A 76 11.03 10.62 -11.14
N TRP A 77 10.83 9.43 -10.59
CA TRP A 77 10.66 9.28 -9.15
C TRP A 77 11.80 10.01 -8.45
N GLN A 78 12.97 9.98 -9.07
CA GLN A 78 14.14 10.64 -8.52
C GLN A 78 13.89 12.13 -8.59
N ARG A 79 13.60 12.62 -9.79
CA ARG A 79 13.31 14.04 -9.96
C ARG A 79 12.36 14.44 -8.85
N LEU A 80 11.15 13.86 -8.91
CA LEU A 80 10.09 14.12 -7.97
C LEU A 80 10.54 14.24 -6.54
N ILE A 81 11.28 13.25 -6.05
CA ILE A 81 11.68 13.24 -4.65
C ILE A 81 12.89 14.05 -4.20
N ASN A 82 13.73 14.53 -5.12
CA ASN A 82 14.89 15.30 -4.68
C ASN A 82 14.67 16.79 -4.70
N ASN A 83 13.47 17.23 -5.10
CA ASN A 83 13.21 18.65 -5.17
C ASN A 83 11.84 19.10 -4.72
N ASN A 84 11.08 18.21 -4.11
CA ASN A 84 9.74 18.57 -3.70
C ASN A 84 9.35 18.08 -2.32
N TRP A 85 8.86 18.97 -1.48
CA TRP A 85 8.45 18.59 -0.14
C TRP A 85 7.05 17.98 -0.11
N GLY A 86 6.61 17.45 -1.23
CA GLY A 86 5.28 16.87 -1.23
C GLY A 86 4.62 16.84 -2.58
N MET A 87 3.63 15.96 -2.70
CA MET A 87 2.90 15.77 -3.94
C MET A 87 1.56 15.14 -3.64
N ARG A 88 0.74 15.02 -4.68
CA ARG A 88 -0.57 14.41 -4.55
C ARG A 88 -1.27 14.32 -5.90
N PRO A 89 -2.11 13.31 -6.07
CA PRO A 89 -2.84 13.11 -7.31
C PRO A 89 -3.87 14.22 -7.44
N LYS A 90 -4.15 14.63 -8.67
CA LYS A 90 -5.11 15.70 -8.91
C LYS A 90 -6.20 15.28 -9.88
N ALA A 91 -5.80 14.68 -11.00
CA ALA A 91 -6.77 14.24 -11.98
C ALA A 91 -6.26 13.03 -12.75
N MET A 92 -7.19 12.22 -13.24
CA MET A 92 -6.84 11.01 -13.97
C MET A 92 -7.72 10.78 -15.19
N ARG A 93 -7.12 10.20 -16.21
CA ARG A 93 -7.83 9.89 -17.44
C ARG A 93 -7.32 8.55 -17.94
N VAL A 94 -8.24 7.63 -18.16
CA VAL A 94 -7.87 6.31 -18.62
C VAL A 94 -8.54 6.02 -19.94
N LYS A 95 -7.89 5.23 -20.78
CA LYS A 95 -8.52 4.86 -22.02
C LYS A 95 -7.99 3.53 -22.55
N ILE A 96 -8.94 2.69 -22.97
CA ILE A 96 -8.67 1.36 -23.47
C ILE A 96 -8.97 1.37 -24.96
N PHE A 97 -8.20 0.63 -25.74
CA PHE A 97 -8.39 0.66 -27.18
C PHE A 97 -7.61 -0.39 -27.95
N ASN A 98 -7.79 -0.36 -29.27
CA ASN A 98 -7.13 -1.31 -30.17
C ASN A 98 -7.54 -2.71 -29.79
N ILE A 99 -8.79 -2.83 -29.37
CA ILE A 99 -9.33 -4.11 -28.98
C ILE A 99 -9.17 -5.14 -30.09
N GLN A 100 -8.70 -6.32 -29.72
CA GLN A 100 -8.51 -7.43 -30.66
C GLN A 100 -9.05 -8.70 -29.99
N VAL A 101 -10.09 -9.27 -30.56
CA VAL A 101 -10.67 -10.49 -30.00
C VAL A 101 -10.22 -11.69 -30.81
N LYS A 102 -9.63 -12.67 -30.14
CA LYS A 102 -9.12 -13.88 -30.77
C LYS A 102 -9.87 -15.12 -30.32
N GLU A 103 -10.07 -16.05 -31.24
CA GLU A 103 -10.74 -17.30 -30.91
C GLU A 103 -9.77 -18.43 -31.22
N VAL A 104 -9.51 -19.26 -30.21
CA VAL A 104 -8.56 -20.35 -30.35
C VAL A 104 -9.24 -21.64 -30.75
N THR A 105 -8.49 -22.47 -31.44
CA THR A 105 -8.95 -23.78 -31.91
C THR A 105 -7.82 -24.77 -31.67
N THR A 106 -7.91 -25.56 -30.61
CA THR A 106 -6.86 -26.53 -30.34
C THR A 106 -7.01 -27.65 -31.36
N SER A 107 -5.98 -27.81 -32.20
CA SER A 107 -5.97 -28.85 -33.22
C SER A 107 -5.77 -30.24 -32.61
N ASN A 108 -5.80 -31.24 -33.48
CA ASN A 108 -5.61 -32.63 -33.10
C ASN A 108 -4.43 -32.72 -32.13
N GLY A 109 -3.37 -31.97 -32.44
CA GLY A 109 -2.20 -31.93 -31.60
C GLY A 109 -2.15 -30.62 -30.83
N GLU A 110 -1.69 -29.55 -31.49
CA GLU A 110 -1.59 -28.25 -30.86
C GLU A 110 -2.49 -27.12 -31.37
N THR A 111 -2.67 -26.13 -30.49
CA THR A 111 -3.50 -24.95 -30.69
C THR A 111 -3.17 -24.01 -31.86
N THR A 112 -4.23 -23.42 -32.41
CA THR A 112 -4.14 -22.47 -33.53
C THR A 112 -5.09 -21.30 -33.21
N VAL A 113 -4.62 -20.06 -33.41
CA VAL A 113 -5.45 -18.90 -33.09
C VAL A 113 -5.85 -18.05 -34.29
N ALA A 114 -7.08 -17.52 -34.23
CA ALA A 114 -7.61 -16.68 -35.31
C ALA A 114 -8.42 -15.49 -34.80
N ASN A 115 -8.54 -14.47 -35.63
CA ASN A 115 -9.27 -13.26 -35.29
C ASN A 115 -10.78 -13.33 -35.46
N ASN A 116 -11.51 -13.16 -34.36
CA ASN A 116 -12.98 -13.14 -34.43
C ASN A 116 -13.32 -11.65 -34.49
N LEU A 117 -13.46 -11.11 -35.70
CA LEU A 117 -13.74 -9.69 -35.87
C LEU A 117 -14.98 -9.19 -35.15
N THR A 118 -16.10 -9.87 -35.39
CA THR A 118 -17.39 -9.51 -34.81
C THR A 118 -17.58 -9.81 -33.32
N SER A 119 -16.60 -10.43 -32.69
CA SER A 119 -16.74 -10.73 -31.27
C SER A 119 -16.61 -9.42 -30.51
N THR A 120 -17.34 -9.31 -29.41
CA THR A 120 -17.34 -8.10 -28.58
C THR A 120 -16.74 -8.31 -27.19
N VAL A 121 -16.31 -7.20 -26.59
CA VAL A 121 -15.73 -7.20 -25.25
C VAL A 121 -16.46 -6.10 -24.48
N GLN A 122 -16.70 -6.30 -23.19
CA GLN A 122 -17.39 -5.30 -22.38
C GLN A 122 -16.52 -4.56 -21.37
N ILE A 123 -16.85 -3.30 -21.14
CA ILE A 123 -16.13 -2.45 -20.20
C ILE A 123 -17.15 -1.56 -19.52
N PHE A 124 -16.84 -1.13 -18.30
CA PHE A 124 -17.73 -0.24 -17.58
C PHE A 124 -17.04 0.13 -16.29
N ALA A 125 -17.28 1.35 -15.82
CA ALA A 125 -16.63 1.77 -14.60
C ALA A 125 -17.65 1.95 -13.49
N ASP A 126 -17.39 1.29 -12.36
CA ASP A 126 -18.26 1.39 -11.20
C ASP A 126 -17.93 2.73 -10.55
N SER A 127 -18.49 3.80 -11.10
CA SER A 127 -18.21 5.13 -10.59
C SER A 127 -19.17 5.57 -9.51
N SER A 128 -20.08 4.67 -9.16
CA SER A 128 -21.06 4.93 -8.11
C SER A 128 -20.55 4.20 -6.87
N TYR A 129 -19.40 3.54 -7.02
CA TYR A 129 -18.78 2.81 -5.93
C TYR A 129 -19.72 1.81 -5.32
N GLU A 130 -20.54 1.19 -6.14
CA GLU A 130 -21.47 0.20 -5.64
C GLU A 130 -20.98 -1.19 -6.00
N LEU A 131 -19.90 -1.61 -5.35
CA LEU A 131 -19.29 -2.92 -5.58
C LEU A 131 -18.06 -2.93 -4.71
N PRO A 132 -17.78 -4.07 -4.07
CA PRO A 132 -16.61 -4.17 -3.19
C PRO A 132 -15.39 -3.59 -3.90
N TYR A 133 -14.70 -2.68 -3.21
CA TYR A 133 -13.53 -2.05 -3.79
C TYR A 133 -12.35 -2.94 -3.49
N VAL A 134 -11.64 -3.35 -4.54
CA VAL A 134 -10.52 -4.26 -4.43
C VAL A 134 -9.15 -3.66 -4.80
N MET A 135 -9.17 -2.64 -5.62
CA MET A 135 -7.92 -2.03 -6.08
C MET A 135 -6.98 -1.47 -5.01
N ASP A 136 -7.41 -1.42 -3.75
CA ASP A 136 -6.55 -0.85 -2.69
C ASP A 136 -6.02 -1.82 -1.66
N ALA A 137 -6.13 -3.12 -1.91
CA ALA A 137 -5.67 -4.13 -0.94
C ALA A 137 -4.20 -4.50 -1.06
N GLY A 138 -3.43 -3.70 -1.79
CA GLY A 138 -2.02 -3.99 -1.94
C GLY A 138 -1.76 -5.34 -2.60
N GLN A 139 -2.63 -5.70 -3.55
CA GLN A 139 -2.49 -6.96 -4.26
C GLN A 139 -1.92 -6.76 -5.66
N GLU A 140 -1.61 -7.85 -6.34
CA GLU A 140 -1.06 -7.79 -7.68
C GLU A 140 -2.12 -7.40 -8.69
N GLY A 141 -1.69 -7.18 -9.93
CA GLY A 141 -2.64 -6.82 -10.97
C GLY A 141 -2.46 -5.44 -11.60
N SER A 142 -1.74 -4.57 -10.92
CA SER A 142 -1.50 -3.24 -11.46
C SER A 142 -0.67 -3.41 -12.74
N LEU A 143 -0.38 -2.31 -13.43
CA LEU A 143 0.39 -2.42 -14.65
C LEU A 143 1.86 -2.67 -14.34
N PRO A 144 2.59 -3.20 -15.32
CA PRO A 144 4.02 -3.49 -15.15
C PRO A 144 4.78 -2.19 -15.06
N PRO A 145 5.91 -2.19 -14.34
CA PRO A 145 6.68 -0.95 -14.23
C PRO A 145 7.36 -0.67 -15.56
N PHE A 146 7.81 -1.74 -16.21
CA PHE A 146 8.49 -1.61 -17.48
C PHE A 146 7.48 -1.42 -18.60
N PRO A 147 7.54 -0.28 -19.28
CA PRO A 147 6.65 0.07 -20.37
C PRO A 147 6.40 -1.03 -21.40
N ASN A 148 7.43 -1.73 -21.81
CA ASN A 148 7.27 -2.79 -22.80
C ASN A 148 7.08 -4.20 -22.23
N ASP A 149 6.26 -4.33 -21.21
CA ASP A 149 5.98 -5.64 -20.60
C ASP A 149 4.50 -5.90 -20.75
N VAL A 150 4.12 -6.98 -21.43
CA VAL A 150 2.71 -7.30 -21.58
C VAL A 150 2.20 -7.87 -20.27
N PHE A 151 0.97 -7.55 -19.89
CA PHE A 151 0.45 -8.08 -18.64
C PHE A 151 -0.94 -8.69 -18.77
N MET A 152 -1.27 -9.54 -17.83
CA MET A 152 -2.55 -10.23 -17.77
C MET A 152 -3.49 -9.43 -16.86
N VAL A 153 -4.72 -9.21 -17.29
CA VAL A 153 -5.67 -8.48 -16.46
C VAL A 153 -6.13 -9.39 -15.33
N PRO A 154 -6.17 -8.89 -14.09
CA PRO A 154 -6.58 -9.63 -12.90
C PRO A 154 -8.03 -10.06 -12.92
N GLN A 155 -8.35 -11.10 -12.16
CA GLN A 155 -9.74 -11.57 -12.07
C GLN A 155 -10.43 -10.86 -10.93
N TYR A 156 -11.64 -10.39 -11.16
CA TYR A 156 -12.32 -9.72 -10.07
C TYR A 156 -12.98 -10.73 -9.15
N GLY A 157 -12.80 -10.52 -7.85
CA GLY A 157 -13.39 -11.39 -6.86
C GLY A 157 -13.52 -10.58 -5.60
N TYR A 158 -14.55 -10.84 -4.81
CA TYR A 158 -14.73 -10.08 -3.58
C TYR A 158 -15.15 -10.94 -2.39
N CYS A 159 -14.92 -10.42 -1.19
CA CYS A 159 -15.27 -11.16 0.02
C CYS A 159 -16.51 -10.59 0.69
N GLY A 160 -17.25 -11.45 1.38
CA GLY A 160 -18.45 -11.04 2.09
C GLY A 160 -18.12 -10.96 3.56
N LEU A 161 -19.12 -10.82 4.43
CA LEU A 161 -18.82 -10.76 5.87
C LEU A 161 -18.71 -12.14 6.44
N VAL A 162 -17.77 -12.28 7.37
CA VAL A 162 -17.57 -13.54 8.03
C VAL A 162 -18.23 -13.42 9.39
N THR A 163 -19.32 -14.17 9.57
CA THR A 163 -20.02 -14.15 10.84
C THR A 163 -19.41 -15.32 11.59
N GLY A 164 -18.70 -15.02 12.68
CA GLY A 164 -18.06 -16.05 13.46
C GLY A 164 -16.56 -16.03 13.25
N ASN A 165 -15.89 -17.08 13.72
CA ASN A 165 -14.43 -17.22 13.60
C ASN A 165 -14.18 -18.71 13.41
N THR A 166 -15.26 -19.38 13.02
CA THR A 166 -15.29 -20.81 12.84
C THR A 166 -15.66 -21.20 11.41
N SER A 167 -16.89 -20.86 11.04
CA SER A 167 -17.45 -21.20 9.74
C SER A 167 -17.52 -20.09 8.70
N GLN A 168 -17.35 -20.48 7.44
CA GLN A 168 -17.41 -19.55 6.33
C GLN A 168 -18.88 -19.39 5.97
N GLN A 169 -19.73 -20.13 6.66
CA GLN A 169 -21.17 -20.05 6.42
C GLN A 169 -21.60 -18.59 6.34
N GLN A 170 -22.56 -18.33 5.46
CA GLN A 170 -23.04 -16.97 5.24
C GLN A 170 -24.46 -16.69 5.78
N THR A 171 -24.72 -15.46 6.22
CA THR A 171 -26.04 -15.06 6.75
C THR A 171 -26.90 -14.37 5.71
N ASP A 172 -28.04 -13.87 6.14
CA ASP A 172 -28.95 -13.17 5.27
C ASP A 172 -28.39 -11.79 4.93
N ARG A 173 -27.29 -11.41 5.58
CA ARG A 173 -26.69 -10.12 5.30
C ARG A 173 -25.74 -10.23 4.14
N ASN A 174 -25.03 -11.34 4.06
CA ASN A 174 -24.11 -11.54 2.95
C ASN A 174 -24.84 -11.14 1.68
N ALA A 175 -24.14 -10.51 0.74
CA ALA A 175 -24.79 -10.10 -0.50
C ALA A 175 -24.02 -10.56 -1.73
N PHE A 176 -24.75 -10.75 -2.82
CA PHE A 176 -24.15 -11.18 -4.08
C PHE A 176 -24.32 -10.07 -5.12
N TYR A 177 -23.22 -9.65 -5.71
CA TYR A 177 -23.27 -8.60 -6.73
C TYR A 177 -23.03 -9.21 -8.11
N CYS A 178 -23.87 -8.84 -9.06
CA CYS A 178 -23.73 -9.34 -10.42
C CYS A 178 -23.38 -8.21 -11.38
N LEU A 179 -22.20 -8.29 -11.96
CA LEU A 179 -21.71 -7.26 -12.88
C LEU A 179 -22.50 -7.14 -14.19
N GLU A 180 -23.31 -8.14 -14.51
CA GLU A 180 -24.09 -8.09 -15.73
C GLU A 180 -25.29 -7.20 -15.45
N TYR A 181 -25.55 -6.95 -14.16
CA TYR A 181 -26.67 -6.11 -13.76
C TYR A 181 -26.21 -4.66 -13.70
N PHE A 182 -25.35 -4.31 -14.64
CA PHE A 182 -24.82 -2.96 -14.75
C PHE A 182 -24.82 -2.59 -16.21
N PRO A 183 -24.82 -1.29 -16.50
CA PRO A 183 -24.81 -0.93 -17.91
C PRO A 183 -23.35 -0.98 -18.29
N SER A 184 -23.03 -1.83 -19.26
CA SER A 184 -21.66 -2.00 -19.72
C SER A 184 -21.61 -1.54 -21.17
N GLN A 185 -20.44 -1.17 -21.64
CA GLN A 185 -20.30 -0.73 -23.03
C GLN A 185 -19.70 -1.87 -23.84
N MET A 186 -20.35 -2.24 -24.92
CA MET A 186 -19.84 -3.33 -25.76
C MET A 186 -18.94 -2.77 -26.86
N LEU A 187 -17.81 -3.45 -27.07
CA LEU A 187 -16.84 -3.03 -28.08
C LEU A 187 -16.39 -4.14 -29.00
N ARG A 188 -16.03 -3.72 -30.20
CA ARG A 188 -15.47 -4.58 -31.20
C ARG A 188 -14.20 -3.90 -31.67
N THR A 189 -13.39 -4.57 -32.46
CA THR A 189 -12.21 -3.83 -32.91
C THR A 189 -12.75 -2.57 -33.54
N GLY A 190 -12.09 -1.44 -33.31
CA GLY A 190 -12.58 -0.21 -33.94
C GLY A 190 -13.34 0.66 -32.94
N ASN A 191 -13.79 0.04 -31.84
CA ASN A 191 -14.47 0.79 -30.79
C ASN A 191 -13.38 0.99 -29.74
N ASN A 192 -13.67 1.84 -28.77
CA ASN A 192 -12.72 2.09 -27.70
C ASN A 192 -13.45 2.68 -26.51
N PHE A 193 -12.75 2.77 -25.39
CA PHE A 193 -13.32 3.28 -24.16
C PHE A 193 -12.48 4.43 -23.66
N GLU A 194 -13.07 5.24 -22.80
CA GLU A 194 -12.34 6.37 -22.25
C GLU A 194 -13.10 6.91 -21.07
N ILE A 195 -12.39 7.46 -20.09
CA ILE A 195 -13.04 7.99 -18.91
C ILE A 195 -12.15 8.97 -18.17
N THR A 196 -12.77 9.88 -17.41
CA THR A 196 -12.00 10.86 -16.66
C THR A 196 -12.42 10.87 -15.20
N TYR A 197 -11.46 11.17 -14.33
CA TYR A 197 -11.68 11.20 -12.90
C TYR A 197 -10.93 12.39 -12.32
N SER A 198 -11.39 12.89 -11.19
CA SER A 198 -10.74 14.00 -10.52
C SER A 198 -10.58 13.67 -9.05
N PHE A 199 -9.32 13.58 -8.61
CA PHE A 199 -9.05 13.26 -7.22
C PHE A 199 -9.66 14.26 -6.28
N GLU A 200 -10.10 13.78 -5.12
CA GLU A 200 -10.68 14.66 -4.11
C GLU A 200 -9.53 15.47 -3.55
N LYS A 201 -9.81 16.59 -2.90
CA LYS A 201 -8.70 17.35 -2.37
C LYS A 201 -8.16 16.54 -1.22
N VAL A 202 -6.86 16.30 -1.24
CA VAL A 202 -6.23 15.48 -0.23
C VAL A 202 -4.85 16.06 0.09
N PRO A 203 -4.44 15.99 1.36
CA PRO A 203 -3.15 16.48 1.85
C PRO A 203 -1.96 15.99 1.07
N PHE A 204 -1.01 16.89 0.81
CA PHE A 204 0.21 16.51 0.09
C PHE A 204 0.94 15.48 0.93
N HIS A 205 1.62 14.53 0.29
CA HIS A 205 2.37 13.54 1.05
C HIS A 205 3.65 14.22 1.54
N SER A 206 4.16 13.82 2.69
CA SER A 206 5.36 14.42 3.26
C SER A 206 6.54 14.57 2.33
N MET A 207 7.24 13.48 1.99
CA MET A 207 8.38 13.61 1.08
C MET A 207 9.57 14.34 1.67
N TYR A 208 9.70 14.29 2.99
CA TYR A 208 10.81 14.93 3.66
C TYR A 208 10.97 14.32 5.03
N ALA A 209 12.19 14.34 5.53
CA ALA A 209 12.46 13.81 6.86
C ALA A 209 12.65 15.03 7.76
N HIS A 210 12.35 14.89 9.04
CA HIS A 210 12.47 16.01 9.97
C HIS A 210 13.90 16.28 10.41
N SER A 211 14.23 17.55 10.67
CA SER A 211 15.51 17.93 11.22
C SER A 211 15.29 17.83 12.70
N GLN A 212 14.92 18.94 13.30
CA GLN A 212 14.57 18.92 14.74
C GLN A 212 13.83 17.66 15.24
N SER A 213 14.02 17.35 16.53
CA SER A 213 13.35 16.22 17.18
C SER A 213 12.29 16.80 18.12
N LEU A 214 11.15 16.15 18.20
CA LEU A 214 10.06 16.65 19.03
C LEU A 214 10.46 16.97 20.47
N ASP A 215 11.39 16.22 21.05
CA ASP A 215 11.75 16.53 22.43
C ASP A 215 12.82 17.59 22.57
N ARG A 216 13.37 18.05 21.45
CA ARG A 216 14.38 19.10 21.46
C ARG A 216 13.94 20.22 20.51
N LEU A 217 12.92 20.97 20.94
CA LEU A 217 12.41 22.08 20.13
C LEU A 217 12.59 23.44 20.80
N MET A 218 13.52 23.54 21.75
CA MET A 218 13.76 24.79 22.45
C MET A 218 15.09 25.42 22.10
N ASN A 219 15.41 26.48 22.82
CA ASN A 219 16.65 27.21 22.65
C ASN A 219 17.58 26.59 23.66
N PRO A 220 18.64 25.92 23.19
CA PRO A 220 19.60 25.28 24.09
C PRO A 220 20.38 26.27 24.95
N LEU A 221 20.18 27.56 24.71
CA LEU A 221 20.90 28.55 25.49
C LEU A 221 20.15 29.15 26.66
N ILE A 222 18.86 28.81 26.82
CA ILE A 222 18.12 29.50 27.91
C ILE A 222 17.25 28.69 28.87
N ASP A 223 17.15 29.19 30.09
CA ASP A 223 16.36 28.57 31.16
C ASP A 223 14.86 28.74 30.92
N GLN A 224 14.06 27.81 31.44
CA GLN A 224 12.62 27.94 31.31
C GLN A 224 12.27 28.82 32.49
N TYR A 225 11.04 29.28 32.57
CA TYR A 225 10.66 30.10 33.71
C TYR A 225 9.78 29.20 34.54
N LEU A 226 9.80 27.92 34.19
CA LEU A 226 9.02 26.91 34.89
C LEU A 226 9.87 26.04 35.81
N TRP A 227 9.29 25.63 36.94
CA TRP A 227 10.00 24.82 37.90
C TRP A 227 9.42 23.43 38.08
N GLY A 228 10.28 22.51 38.49
CA GLY A 228 9.85 21.14 38.70
C GLY A 228 10.65 20.39 39.76
N LEU A 229 10.10 19.26 40.18
CA LEU A 229 10.73 18.41 41.18
C LEU A 229 11.90 17.68 40.50
N GLN A 230 13.09 17.80 41.10
CA GLN A 230 14.29 17.17 40.57
C GLN A 230 14.59 15.84 41.24
N SER A 231 14.53 15.83 42.58
CA SER A 231 14.78 14.63 43.39
C SER A 231 14.09 14.75 44.75
N THR A 232 13.75 13.60 45.35
CA THR A 232 13.08 13.58 46.65
C THR A 232 14.02 13.31 47.81
N THR A 233 15.28 12.98 47.51
CA THR A 233 16.28 12.70 48.54
C THR A 233 17.58 13.42 48.30
N THR A 234 18.63 13.03 49.04
CA THR A 234 19.93 13.68 48.94
C THR A 234 21.08 12.92 48.28
N GLY A 235 21.06 11.60 48.37
CA GLY A 235 22.18 10.84 47.83
C GLY A 235 22.27 10.74 46.32
N THR A 236 22.81 9.62 45.88
CA THR A 236 22.98 9.24 44.47
C THR A 236 22.52 7.81 44.34
N THR A 237 21.98 7.44 45.52
CA THR A 237 21.47 6.13 45.78
C THR A 237 19.98 6.13 46.08
N LEU A 238 19.28 5.23 45.38
CA LEU A 238 17.86 5.09 45.55
C LEU A 238 17.56 4.78 47.00
N ASN A 239 16.39 5.22 47.45
CA ASN A 239 15.94 4.97 48.82
C ASN A 239 17.03 5.21 49.86
N ALA A 240 17.74 6.32 49.76
CA ALA A 240 18.80 6.61 50.71
C ALA A 240 19.37 8.01 50.56
N GLY A 241 19.15 8.81 51.61
CA GLY A 241 19.63 10.18 51.62
C GLY A 241 18.88 10.88 52.73
N THR A 242 19.11 12.19 52.89
CA THR A 242 18.44 12.93 53.96
C THR A 242 16.98 13.22 53.62
N ALA A 243 16.53 12.86 52.42
CA ALA A 243 15.14 13.05 52.02
C ALA A 243 14.69 14.50 52.04
N THR A 244 14.54 15.08 50.86
CA THR A 244 14.12 16.47 50.76
C THR A 244 13.36 16.74 49.47
N THR A 245 12.73 17.91 49.39
CA THR A 245 11.98 18.29 48.21
C THR A 245 12.86 19.24 47.39
N ASN A 246 13.61 18.67 46.44
CA ASN A 246 14.50 19.45 45.59
C ASN A 246 13.91 19.89 44.26
N PHE A 247 13.57 21.18 44.18
CA PHE A 247 13.00 21.75 42.98
C PHE A 247 14.07 22.47 42.16
N THR A 248 13.92 22.49 40.84
CA THR A 248 14.87 23.15 39.94
C THR A 248 14.20 24.15 39.02
N LYS A 249 15.00 25.07 38.50
CA LYS A 249 14.51 26.07 37.58
C LYS A 249 14.40 25.49 36.17
N LEU A 250 14.90 24.27 35.94
CA LEU A 250 14.80 23.66 34.61
C LEU A 250 15.54 24.49 33.61
N ARG A 251 16.86 24.36 33.61
CA ARG A 251 17.71 25.12 32.71
C ARG A 251 18.53 24.18 31.82
N PRO A 252 19.21 24.74 30.81
CA PRO A 252 20.02 23.95 29.90
C PRO A 252 20.75 22.74 30.47
N THR A 253 21.08 21.85 29.54
CA THR A 253 21.72 20.58 29.76
C THR A 253 20.70 19.60 30.30
N ASN A 254 19.62 20.07 30.93
CA ASN A 254 18.58 19.16 31.44
C ASN A 254 17.72 18.68 30.27
N PHE A 255 16.75 19.47 29.76
CA PHE A 255 15.98 19.12 28.55
C PHE A 255 15.10 17.93 28.60
N SER A 256 15.39 16.98 29.44
CA SER A 256 14.54 15.84 29.40
C SER A 256 13.43 16.03 30.38
N ASN A 257 13.57 17.14 31.12
CA ASN A 257 12.58 17.48 32.12
C ASN A 257 11.95 18.81 31.75
N PHE A 258 12.38 19.39 30.61
CA PHE A 258 11.80 20.67 30.20
C PHE A 258 10.30 20.49 29.94
N LYS A 259 9.51 21.45 30.38
CA LYS A 259 8.08 21.37 30.14
C LYS A 259 7.91 21.59 28.63
N LYS A 260 7.19 20.69 27.96
CA LYS A 260 7.03 20.81 26.52
C LYS A 260 5.57 20.93 26.13
N ASN A 261 5.30 21.37 24.91
CA ASN A 261 3.93 21.54 24.47
C ASN A 261 3.34 20.38 23.68
N TRP A 262 4.17 19.51 23.14
CA TRP A 262 3.64 18.40 22.34
C TRP A 262 4.22 17.04 22.68
N LEU A 263 3.39 16.01 22.54
CA LEU A 263 3.78 14.63 22.82
C LEU A 263 3.84 13.80 21.56
N PRO A 264 4.59 12.69 21.59
CA PRO A 264 4.69 11.83 20.41
C PRO A 264 3.33 11.17 20.21
N GLY A 265 3.03 10.84 18.96
CA GLY A 265 1.74 10.26 18.66
C GLY A 265 1.55 8.84 19.09
N PRO A 266 0.30 8.36 19.01
CA PRO A 266 -0.16 7.01 19.35
C PRO A 266 0.72 5.91 18.80
N SER A 267 0.81 4.81 19.56
CA SER A 267 1.59 3.65 19.15
C SER A 267 1.06 2.38 19.80
N ILE A 268 1.44 1.25 19.21
CA ILE A 268 1.06 -0.08 19.68
C ILE A 268 2.30 -0.94 19.49
N LYS A 269 2.87 -1.46 20.59
CA LYS A 269 4.07 -2.28 20.50
C LYS A 269 4.01 -3.46 19.53
N GLN A 270 5.09 -3.62 18.76
CA GLN A 270 5.18 -4.71 17.82
C GLN A 270 6.34 -5.62 18.23
N GLN A 271 6.22 -6.90 17.91
CA GLN A 271 7.30 -7.83 18.24
C GLN A 271 8.40 -7.69 17.23
N GLY A 272 9.64 -7.66 17.68
CA GLY A 272 10.76 -7.53 16.77
C GLY A 272 11.49 -8.84 16.56
N PHE A 273 11.90 -9.11 15.32
CA PHE A 273 12.60 -10.34 15.03
C PHE A 273 13.96 -10.06 14.41
N SER A 274 14.82 -11.06 14.40
CA SER A 274 16.16 -10.89 13.85
C SER A 274 16.29 -11.60 12.52
N LYS A 275 17.06 -11.02 11.62
CA LYS A 275 17.26 -11.61 10.30
C LYS A 275 18.21 -12.80 10.38
N THR A 276 19.01 -12.83 11.44
CA THR A 276 19.96 -13.93 11.66
C THR A 276 19.26 -15.08 12.42
N ALA A 277 18.68 -15.97 11.63
CA ALA A 277 17.90 -17.18 12.00
C ALA A 277 17.93 -17.68 13.46
N ASN A 278 19.08 -17.67 14.13
CA ASN A 278 19.14 -18.18 15.50
C ASN A 278 19.00 -17.18 16.64
N GLN A 279 18.46 -16.01 16.37
CA GLN A 279 18.31 -15.02 17.42
C GLN A 279 16.84 -14.89 17.77
N ASN A 280 16.01 -15.69 17.10
CA ASN A 280 14.56 -15.67 17.30
C ASN A 280 14.13 -16.68 18.35
N TYR A 281 12.89 -17.11 18.33
CA TYR A 281 12.51 -18.05 19.35
C TYR A 281 11.98 -19.39 18.88
N LYS A 282 11.90 -19.61 17.58
CA LYS A 282 11.41 -20.90 17.09
C LYS A 282 9.94 -21.10 17.43
N ILE A 283 9.17 -20.28 16.69
CA ILE A 283 7.71 -20.32 16.64
C ILE A 283 7.44 -20.90 15.27
N PRO A 284 6.44 -21.80 15.20
CA PRO A 284 6.05 -22.40 13.93
C PRO A 284 5.02 -21.62 13.13
N ALA A 285 4.88 -22.00 11.87
CA ALA A 285 3.91 -21.37 10.99
C ALA A 285 2.55 -21.86 11.45
N THR A 286 2.19 -23.07 11.05
CA THR A 286 0.92 -23.68 11.43
C THR A 286 0.88 -23.93 12.92
N GLY A 287 -0.11 -24.70 13.38
CA GLY A 287 -0.18 -25.02 14.78
C GLY A 287 -0.98 -24.13 15.70
N SER A 288 -1.14 -24.61 16.92
CA SER A 288 -1.87 -23.93 17.99
C SER A 288 -1.02 -22.79 18.52
N ASP A 289 0.25 -22.81 18.16
CA ASP A 289 1.18 -21.77 18.56
C ASP A 289 1.87 -21.19 17.33
N SER A 290 1.05 -20.76 16.38
CA SER A 290 1.50 -20.18 15.14
C SER A 290 2.00 -18.76 15.41
N LEU A 291 2.96 -18.32 14.61
CA LEU A 291 3.54 -16.99 14.77
C LEU A 291 2.47 -15.94 15.09
N ILE A 292 1.35 -16.02 14.38
CA ILE A 292 0.24 -15.09 14.59
C ILE A 292 0.00 -14.78 16.06
N LYS A 293 -0.19 -15.83 16.83
CA LYS A 293 -0.47 -15.71 18.25
C LYS A 293 0.53 -14.83 18.98
N TYR A 294 1.81 -15.01 18.69
CA TYR A 294 2.85 -14.25 19.38
C TYR A 294 3.15 -12.86 18.83
N GLU A 295 2.58 -12.53 17.68
CA GLU A 295 2.75 -11.21 17.07
C GLU A 295 1.54 -10.36 17.36
N THR A 296 1.78 -9.11 17.71
CA THR A 296 0.70 -8.18 18.05
C THR A 296 -0.35 -8.13 16.94
N HIS A 297 -1.59 -8.45 17.30
CA HIS A 297 -2.71 -8.51 16.37
C HIS A 297 -4.00 -7.94 16.94
N SER A 298 -4.98 -7.71 16.07
CA SER A 298 -6.30 -7.20 16.48
C SER A 298 -7.30 -8.35 16.44
N THR A 299 -8.45 -8.16 17.06
CA THR A 299 -9.45 -9.23 17.08
C THR A 299 -10.85 -8.76 16.70
N LEU A 300 -11.30 -9.17 15.52
CA LEU A 300 -12.61 -8.82 14.99
C LEU A 300 -13.54 -10.03 14.96
N ASP A 301 -14.65 -9.98 15.69
CA ASP A 301 -15.59 -11.09 15.73
C ASP A 301 -14.83 -12.40 15.93
N GLY A 302 -13.98 -12.45 16.95
CA GLY A 302 -13.23 -13.66 17.24
C GLY A 302 -12.12 -14.04 16.26
N ARG A 303 -12.00 -13.31 15.17
CA ARG A 303 -10.98 -13.60 14.19
C ARG A 303 -9.74 -12.75 14.42
N TRP A 304 -8.59 -13.33 14.16
CA TRP A 304 -7.33 -12.60 14.32
C TRP A 304 -6.87 -11.96 13.01
N SER A 305 -6.11 -10.88 13.15
CA SER A 305 -5.59 -10.15 12.00
C SER A 305 -4.30 -9.48 12.46
N ALA A 306 -3.21 -9.86 11.83
CA ALA A 306 -1.94 -9.29 12.19
C ALA A 306 -2.06 -7.78 12.10
N LEU A 307 -1.49 -7.11 13.11
CA LEU A 307 -1.46 -5.66 13.09
C LEU A 307 -0.30 -5.38 12.17
N THR A 308 -0.48 -5.63 10.87
CA THR A 308 0.64 -5.58 9.91
C THR A 308 1.25 -4.19 9.68
N PRO A 309 0.77 -3.44 8.70
CA PRO A 309 1.32 -2.09 8.54
C PRO A 309 1.27 -1.32 9.86
N GLY A 310 0.07 -1.35 10.41
CA GLY A 310 -0.26 -0.76 11.69
C GLY A 310 0.07 0.71 11.77
N PRO A 311 -0.15 1.24 12.97
CA PRO A 311 0.13 2.66 13.23
C PRO A 311 1.47 3.17 12.78
N PRO A 312 1.47 4.43 12.35
CA PRO A 312 2.74 5.09 12.02
C PRO A 312 3.72 5.04 13.19
N MET A 313 4.76 4.29 13.09
CA MET A 313 5.73 4.24 14.17
C MET A 313 7.13 4.20 13.60
N ALA A 314 8.07 4.78 14.35
CA ALA A 314 9.47 4.78 13.94
C ALA A 314 9.82 3.30 13.81
N THR A 315 10.57 2.96 12.79
CA THR A 315 10.89 1.56 12.60
C THR A 315 12.37 1.26 12.70
N ALA A 316 12.71 -0.01 12.51
CA ALA A 316 14.10 -0.42 12.53
C ALA A 316 14.75 0.15 11.26
N GLY A 317 16.02 -0.17 11.02
CA GLY A 317 16.66 0.32 9.82
C GLY A 317 16.54 -0.71 8.71
N PRO A 318 16.89 -0.33 7.47
CA PRO A 318 16.79 -1.31 6.37
C PRO A 318 17.94 -2.31 6.47
N ALA A 319 19.03 -1.87 7.11
CA ALA A 319 20.21 -2.69 7.27
C ALA A 319 20.22 -3.43 8.60
N ASP A 320 19.59 -2.85 9.61
CA ASP A 320 19.56 -3.45 10.94
C ASP A 320 19.12 -4.90 10.88
N SER A 321 19.70 -5.71 11.76
CA SER A 321 19.38 -7.13 11.81
C SER A 321 17.96 -7.33 12.28
N LYS A 322 17.45 -6.34 13.02
CA LYS A 322 16.09 -6.43 13.52
C LYS A 322 15.13 -5.87 12.47
N PHE A 323 13.95 -6.46 12.39
CA PHE A 323 12.94 -6.01 11.46
C PHE A 323 11.64 -6.37 12.15
N SER A 324 10.51 -6.20 11.50
CA SER A 324 9.23 -6.51 12.14
C SER A 324 8.11 -6.15 11.20
N ASN A 325 6.87 -6.44 11.59
CA ASN A 325 5.82 -5.95 10.76
C ASN A 325 5.98 -4.45 10.81
N SER A 326 5.03 -3.67 10.32
CA SER A 326 5.25 -2.23 10.36
C SER A 326 6.30 -1.87 9.33
N GLN A 327 6.98 -2.89 8.79
CA GLN A 327 7.97 -2.63 7.77
C GLN A 327 7.55 -3.33 6.49
N LEU A 328 7.43 -2.54 5.43
CA LEU A 328 7.02 -3.11 4.17
C LEU A 328 8.14 -3.94 3.55
N ILE A 329 7.80 -5.14 3.11
CA ILE A 329 8.79 -6.00 2.50
C ILE A 329 8.37 -6.38 1.10
N PHE A 330 9.26 -6.16 0.13
CA PHE A 330 8.99 -6.47 -1.26
C PHE A 330 9.93 -7.56 -1.71
N ALA A 331 9.57 -8.23 -2.79
CA ALA A 331 10.40 -9.30 -3.34
C ALA A 331 11.70 -8.72 -3.91
N GLY A 332 12.79 -9.45 -3.73
CA GLY A 332 14.07 -8.98 -4.24
C GLY A 332 14.11 -9.18 -5.74
N PRO A 333 15.21 -8.80 -6.40
CA PRO A 333 15.32 -8.94 -7.85
C PRO A 333 15.43 -10.40 -8.28
N LYS A 334 16.15 -11.19 -7.50
CA LYS A 334 16.33 -12.59 -7.84
C LYS A 334 15.38 -13.53 -7.12
N GLN A 335 14.45 -12.95 -6.35
CA GLN A 335 13.47 -13.75 -5.60
C GLN A 335 12.21 -14.00 -6.44
N ASN A 336 12.03 -15.25 -6.88
CA ASN A 336 10.86 -15.62 -7.70
C ASN A 336 10.14 -16.82 -7.12
N GLY A 337 9.50 -16.66 -5.96
CA GLY A 337 8.80 -17.77 -5.35
C GLY A 337 7.92 -17.31 -4.21
N ASN A 338 6.95 -18.11 -3.81
CA ASN A 338 6.07 -17.69 -2.72
C ASN A 338 6.76 -17.75 -1.38
N THR A 339 7.99 -18.24 -1.37
CA THR A 339 8.71 -18.37 -0.12
C THR A 339 10.21 -18.09 -0.19
N ALA A 340 10.78 -17.70 0.94
CA ALA A 340 12.20 -17.43 1.01
C ALA A 340 12.71 -17.60 2.42
N THR A 341 14.00 -17.90 2.53
CA THR A 341 14.65 -18.11 3.82
C THR A 341 15.84 -17.20 4.01
N VAL A 342 16.24 -16.53 2.94
CA VAL A 342 17.39 -15.64 2.99
C VAL A 342 16.98 -14.17 3.01
N PRO A 343 17.01 -13.52 4.18
CA PRO A 343 16.63 -12.12 4.24
C PRO A 343 17.21 -11.30 3.08
N GLY A 344 18.47 -11.55 2.76
CA GLY A 344 19.10 -10.83 1.67
C GLY A 344 18.48 -11.05 0.30
N THR A 345 17.52 -11.96 0.24
CA THR A 345 16.84 -12.25 -1.02
C THR A 345 15.70 -11.26 -1.23
N LEU A 346 15.20 -10.70 -0.13
CA LEU A 346 14.11 -9.74 -0.16
C LEU A 346 14.52 -8.26 -0.02
N ILE A 347 13.52 -7.38 -0.01
CA ILE A 347 13.76 -5.93 0.12
C ILE A 347 13.03 -5.37 1.33
N PHE A 348 13.81 -4.78 2.24
CA PHE A 348 13.23 -4.22 3.45
C PHE A 348 13.07 -2.71 3.44
N THR A 349 11.86 -2.28 3.78
CA THR A 349 11.47 -0.88 3.87
C THR A 349 11.83 -0.36 5.25
N SER A 350 11.74 0.94 5.48
CA SER A 350 12.06 1.45 6.80
C SER A 350 11.52 2.84 7.08
N GLU A 351 10.93 2.98 8.28
CA GLU A 351 10.35 4.24 8.74
C GLU A 351 11.25 4.87 9.79
N GLU A 352 12.54 4.61 9.67
CA GLU A 352 13.54 5.13 10.59
C GLU A 352 13.42 6.64 10.71
N GLU A 353 12.94 7.26 9.65
CA GLU A 353 12.80 8.70 9.64
C GLU A 353 11.85 9.23 10.71
N LEU A 354 10.84 8.44 11.06
CA LEU A 354 9.83 8.87 12.04
C LEU A 354 10.30 9.04 13.48
N ALA A 355 11.53 8.65 13.77
CA ALA A 355 12.08 8.76 15.11
C ALA A 355 12.20 10.20 15.62
N ALA A 356 11.61 11.14 14.92
CA ALA A 356 11.70 12.51 15.35
C ALA A 356 10.38 12.93 15.94
N THR A 357 9.36 12.11 15.72
CA THR A 357 8.02 12.42 16.21
C THR A 357 7.25 11.24 16.75
N ASN A 358 7.43 10.08 16.12
CA ASN A 358 6.70 8.89 16.54
C ASN A 358 7.54 8.01 17.46
N ALA A 359 6.88 7.11 18.18
CA ALA A 359 7.58 6.20 19.08
C ALA A 359 8.12 5.03 18.24
N THR A 360 9.07 4.30 18.79
CA THR A 360 9.64 3.17 18.05
C THR A 360 8.76 1.93 18.14
N ASP A 361 8.52 1.29 16.99
CA ASP A 361 7.66 0.11 16.91
C ASP A 361 7.87 -1.00 17.94
N THR A 362 9.09 -1.51 18.02
CA THR A 362 9.44 -2.61 18.92
C THR A 362 9.58 -2.23 20.40
N ASP A 363 9.95 -0.97 20.67
CA ASP A 363 10.13 -0.49 22.03
C ASP A 363 8.75 -0.22 22.65
N MET A 364 8.58 0.96 23.25
CA MET A 364 7.32 1.32 23.89
C MET A 364 7.09 2.83 23.75
N TRP A 365 5.93 3.29 24.20
CA TRP A 365 5.61 4.72 24.11
C TRP A 365 6.30 5.50 25.23
N GLY A 366 6.22 4.94 26.43
CA GLY A 366 6.80 5.55 27.60
C GLY A 366 6.55 4.71 28.84
N ASN A 367 6.59 5.35 30.01
CA ASN A 367 6.38 4.62 31.24
C ASN A 367 5.47 5.34 32.23
N LEU A 368 4.77 4.55 33.02
CA LEU A 368 3.82 5.02 34.02
C LEU A 368 4.11 4.40 35.37
N PRO A 369 3.72 5.09 36.45
CA PRO A 369 3.96 4.47 37.74
C PRO A 369 2.81 3.47 37.91
N GLY A 370 3.09 2.31 38.52
CA GLY A 370 2.08 1.28 38.70
C GLY A 370 1.24 1.42 39.95
N GLY A 371 1.45 2.53 40.66
CA GLY A 371 0.71 2.79 41.87
C GLY A 371 1.15 4.12 42.43
N ASP A 372 0.73 4.44 43.65
CA ASP A 372 1.08 5.71 44.25
C ASP A 372 2.26 5.65 45.20
N GLN A 373 3.34 6.33 44.83
CA GLN A 373 4.55 6.35 45.64
C GLN A 373 4.27 6.89 47.04
N SER A 374 5.05 6.40 48.00
CA SER A 374 4.93 6.77 49.41
C SER A 374 6.28 6.72 50.10
N ASN A 375 6.34 7.16 51.35
CA ASN A 375 7.59 7.14 52.11
C ASN A 375 7.92 5.72 52.51
N SER A 376 6.95 4.83 52.29
CA SER A 376 7.09 3.44 52.63
C SER A 376 6.73 2.58 51.41
N ASN A 377 6.94 3.15 50.22
CA ASN A 377 6.61 2.42 49.01
C ASN A 377 7.03 3.08 47.71
N LEU A 378 7.78 2.36 46.89
CA LEU A 378 8.20 2.86 45.58
C LEU A 378 7.46 1.93 44.63
N PRO A 379 6.48 2.47 43.87
CA PRO A 379 5.66 1.72 42.90
C PRO A 379 6.39 1.08 41.75
N THR A 380 5.77 0.04 41.22
CA THR A 380 6.31 -0.69 40.08
C THR A 380 6.35 0.27 38.88
N VAL A 381 7.39 0.24 38.08
CA VAL A 381 7.45 1.13 36.94
C VAL A 381 6.86 0.41 35.73
N ASP A 382 5.59 0.70 35.41
CA ASP A 382 4.89 0.05 34.31
C ASP A 382 5.29 0.49 32.90
N ARG A 383 4.95 -0.36 31.94
CA ARG A 383 5.29 -0.13 30.55
C ARG A 383 4.10 0.34 29.72
N LEU A 384 4.19 1.54 29.17
CA LEU A 384 3.12 2.07 28.32
C LEU A 384 3.35 1.45 26.95
N THR A 385 2.72 0.30 26.73
CA THR A 385 2.89 -0.43 25.49
C THR A 385 2.03 0.01 24.32
N ALA A 386 0.78 0.34 24.61
CA ALA A 386 -0.14 0.77 23.58
C ALA A 386 -0.81 2.04 24.11
N LEU A 387 -0.82 3.10 23.30
CA LEU A 387 -1.45 4.36 23.73
C LEU A 387 -2.20 5.00 22.58
N GLY A 388 -3.48 5.32 22.81
CA GLY A 388 -4.28 5.96 21.78
C GLY A 388 -4.09 7.48 21.74
N ALA A 389 -4.97 8.16 21.01
CA ALA A 389 -4.88 9.62 20.90
C ALA A 389 -5.05 10.34 22.24
N VAL A 390 -4.26 11.39 22.40
CA VAL A 390 -4.28 12.21 23.61
C VAL A 390 -3.95 13.64 23.21
N PRO A 391 -4.78 14.60 23.65
CA PRO A 391 -4.59 16.02 23.35
C PRO A 391 -3.13 16.43 23.35
N GLY A 392 -2.66 16.97 22.24
CA GLY A 392 -1.28 17.41 22.17
C GLY A 392 -0.32 16.52 21.41
N MET A 393 -0.81 15.37 20.94
CA MET A 393 0.07 14.47 20.18
C MET A 393 0.19 15.00 18.77
N VAL A 394 1.28 14.60 18.11
CA VAL A 394 1.53 15.00 16.73
C VAL A 394 2.33 13.83 16.20
N TRP A 395 2.30 13.60 14.91
CA TRP A 395 3.05 12.47 14.37
C TRP A 395 3.18 12.56 12.87
N GLN A 396 4.06 11.75 12.32
CA GLN A 396 4.29 11.72 10.89
C GLN A 396 3.62 10.44 10.40
N ASN A 397 3.25 10.37 9.14
CA ASN A 397 2.64 9.15 8.64
C ASN A 397 3.67 8.32 7.90
N ARG A 398 3.32 7.07 7.61
CA ARG A 398 4.21 6.17 6.89
C ARG A 398 4.63 6.76 5.55
N ASP A 399 5.86 6.50 5.12
CA ASP A 399 6.33 7.03 3.85
C ASP A 399 5.64 6.37 2.67
N ILE A 400 5.96 6.84 1.47
CA ILE A 400 5.36 6.33 0.26
C ILE A 400 6.50 5.68 -0.54
N TYR A 401 6.22 4.61 -1.28
CA TYR A 401 7.33 3.99 -2.03
C TYR A 401 7.12 3.87 -3.52
N TYR A 402 8.22 3.95 -4.26
CA TYR A 402 8.19 3.86 -5.71
C TYR A 402 7.33 2.69 -6.19
N GLN A 403 7.41 1.55 -5.51
CA GLN A 403 6.57 0.41 -5.89
C GLN A 403 5.45 0.19 -4.87
N GLY A 404 5.03 1.27 -4.22
CA GLY A 404 3.97 1.19 -3.22
C GLY A 404 2.60 1.55 -3.75
N PRO A 405 1.58 1.53 -2.90
CA PRO A 405 0.20 1.85 -3.29
C PRO A 405 0.14 3.34 -3.48
N ILE A 406 -0.87 3.83 -4.20
CA ILE A 406 -0.99 5.27 -4.41
C ILE A 406 -2.15 5.80 -3.58
N TRP A 407 -3.28 5.09 -3.61
CA TRP A 407 -4.45 5.52 -2.86
C TRP A 407 -5.20 4.33 -2.32
N ALA A 408 -6.19 4.61 -1.47
CA ALA A 408 -7.02 3.56 -0.91
C ALA A 408 -8.34 4.20 -0.55
N LYS A 409 -9.41 3.43 -0.69
CA LYS A 409 -10.74 3.92 -0.38
C LYS A 409 -11.00 3.91 1.11
N ILE A 410 -11.49 5.03 1.63
CA ILE A 410 -11.81 5.11 3.04
C ILE A 410 -13.09 4.33 3.28
N PRO A 411 -13.10 3.50 4.33
CA PRO A 411 -14.27 2.69 4.67
C PRO A 411 -15.57 3.47 4.93
N HIS A 412 -16.66 2.93 4.36
CA HIS A 412 -18.00 3.50 4.46
C HIS A 412 -18.54 3.28 5.86
N THR A 413 -18.03 4.06 6.80
CA THR A 413 -18.43 3.94 8.19
C THR A 413 -18.56 5.34 8.79
N ASP A 414 -19.59 5.49 9.62
CA ASP A 414 -19.71 6.74 10.34
C ASP A 414 -18.47 6.78 11.22
N GLY A 415 -17.61 7.74 11.03
CA GLY A 415 -16.46 7.90 11.90
C GLY A 415 -15.28 6.98 11.69
N HIS A 416 -14.10 7.61 11.89
CA HIS A 416 -12.76 7.00 11.79
C HIS A 416 -11.77 7.90 12.46
N PHE A 417 -10.53 7.74 12.08
CA PHE A 417 -9.57 8.57 12.70
C PHE A 417 -8.34 8.71 11.84
N HIS A 418 -8.04 9.95 11.45
CA HIS A 418 -6.88 10.25 10.63
C HIS A 418 -6.70 9.19 9.53
N PRO A 419 -7.58 9.29 8.53
CA PRO A 419 -7.69 8.42 7.31
C PRO A 419 -6.49 8.25 6.38
N SER A 420 -5.31 7.91 6.88
CA SER A 420 -4.21 7.76 5.97
C SER A 420 -4.05 6.26 5.75
N PRO A 421 -4.16 5.73 4.49
CA PRO A 421 -3.98 4.28 4.36
C PRO A 421 -2.76 3.84 5.13
N LEU A 422 -2.94 2.80 5.94
CA LEU A 422 -1.84 2.30 6.74
C LEU A 422 -0.71 1.67 5.94
N ILE A 423 -1.03 1.16 4.75
CA ILE A 423 -0.01 0.57 3.89
C ILE A 423 0.69 1.76 3.24
N GLY A 424 0.06 2.91 3.38
CA GLY A 424 0.59 4.14 2.83
C GLY A 424 -0.26 4.62 1.68
N GLY A 425 -0.08 5.89 1.31
CA GLY A 425 -0.84 6.46 0.21
C GLY A 425 -1.86 7.51 0.59
N PHE A 426 -2.73 7.82 -0.37
CA PHE A 426 -3.77 8.81 -0.15
C PHE A 426 -5.14 8.19 0.11
N GLY A 427 -5.72 8.59 1.24
CA GLY A 427 -7.03 8.08 1.62
C GLY A 427 -8.09 8.97 1.03
N LEU A 428 -8.81 8.43 0.05
CA LEU A 428 -9.87 9.18 -0.61
C LEU A 428 -11.20 8.56 -0.24
N LYS A 429 -12.25 9.39 -0.21
CA LYS A 429 -13.56 8.87 0.10
C LYS A 429 -14.04 8.14 -1.14
N HIS A 430 -13.96 8.80 -2.29
CA HIS A 430 -14.31 8.17 -3.56
C HIS A 430 -13.06 8.28 -4.43
N PRO A 431 -12.29 7.18 -4.53
CA PRO A 431 -11.03 7.07 -5.29
C PRO A 431 -11.21 6.72 -6.76
N PRO A 432 -10.11 6.67 -7.52
CA PRO A 432 -10.22 6.33 -8.94
C PRO A 432 -11.13 5.12 -9.02
N PRO A 433 -12.14 5.16 -9.89
CA PRO A 433 -13.07 4.04 -10.03
C PRO A 433 -12.50 2.77 -10.64
N GLN A 434 -13.05 1.65 -10.24
CA GLN A 434 -12.61 0.35 -10.77
C GLN A 434 -13.23 0.18 -12.13
N ILE A 435 -12.39 -0.10 -13.11
CA ILE A 435 -12.86 -0.31 -14.47
C ILE A 435 -12.91 -1.80 -14.74
N PHE A 436 -14.11 -2.34 -14.96
CA PHE A 436 -14.22 -3.77 -15.23
C PHE A 436 -14.26 -4.09 -16.71
N ILE A 437 -13.70 -5.23 -17.07
CA ILE A 437 -13.68 -5.65 -18.46
C ILE A 437 -13.80 -7.17 -18.53
N LYS A 438 -14.53 -7.65 -19.53
CA LYS A 438 -14.68 -9.09 -19.69
C LYS A 438 -15.04 -9.40 -21.13
N ASN A 439 -14.58 -10.53 -21.65
CA ASN A 439 -14.90 -10.90 -23.01
C ASN A 439 -16.35 -11.38 -23.05
N THR A 440 -17.06 -11.11 -24.13
CA THR A 440 -18.44 -11.57 -24.22
C THR A 440 -18.46 -13.03 -24.67
N PRO A 441 -19.35 -13.84 -24.05
CA PRO A 441 -19.52 -15.27 -24.35
C PRO A 441 -20.03 -15.54 -25.76
N VAL A 442 -19.46 -16.54 -26.43
CA VAL A 442 -19.91 -16.84 -27.77
C VAL A 442 -20.35 -18.28 -27.88
N PRO A 443 -21.66 -18.51 -27.95
CA PRO A 443 -22.18 -19.87 -28.04
C PRO A 443 -21.53 -20.66 -29.18
N ALA A 444 -21.17 -21.90 -28.90
CA ALA A 444 -20.57 -22.76 -29.92
C ALA A 444 -21.76 -23.37 -30.66
N ASN A 445 -21.52 -24.32 -31.55
CA ASN A 445 -22.63 -24.92 -32.27
C ASN A 445 -23.73 -25.31 -31.28
N PRO A 446 -24.99 -24.96 -31.59
CA PRO A 446 -26.16 -25.25 -30.76
C PRO A 446 -27.02 -26.43 -31.20
N ALA A 447 -27.87 -26.87 -30.27
CA ALA A 447 -28.78 -27.97 -30.51
C ALA A 447 -29.81 -27.56 -31.55
N THR A 448 -30.30 -28.51 -32.34
CA THR A 448 -31.28 -28.20 -33.36
C THR A 448 -32.72 -28.25 -32.85
N THR A 449 -32.88 -28.60 -31.58
CA THR A 449 -34.23 -28.64 -31.00
C THR A 449 -34.16 -27.88 -29.68
N PHE A 450 -35.18 -27.07 -29.40
CA PHE A 450 -35.20 -26.24 -28.20
C PHE A 450 -34.86 -26.88 -26.85
N SER A 451 -34.25 -26.09 -25.98
CA SER A 451 -33.90 -26.52 -24.62
C SER A 451 -33.83 -25.33 -23.66
N SER A 452 -34.62 -25.40 -22.58
CA SER A 452 -34.65 -24.32 -21.61
C SER A 452 -33.43 -24.30 -20.70
N THR A 453 -32.45 -25.12 -21.03
CA THR A 453 -31.25 -25.18 -20.23
C THR A 453 -30.24 -24.14 -20.68
N PRO A 454 -29.59 -23.44 -19.73
CA PRO A 454 -28.60 -22.42 -20.06
C PRO A 454 -27.45 -22.98 -20.91
N VAL A 455 -26.96 -22.18 -21.84
CA VAL A 455 -25.90 -22.60 -22.74
C VAL A 455 -24.60 -22.99 -22.03
N ASN A 456 -23.95 -24.02 -22.58
CA ASN A 456 -22.69 -24.56 -22.06
C ASN A 456 -21.54 -24.43 -23.03
N SER A 457 -21.77 -24.87 -24.25
CA SER A 457 -20.74 -24.85 -25.27
C SER A 457 -20.48 -23.42 -25.76
N PHE A 458 -19.25 -22.95 -25.53
CA PHE A 458 -18.83 -21.63 -25.93
C PHE A 458 -17.53 -21.71 -26.70
N ILE A 459 -17.40 -20.90 -27.74
CA ILE A 459 -16.17 -20.85 -28.50
C ILE A 459 -15.13 -20.41 -27.48
N THR A 460 -13.89 -20.82 -27.67
CA THR A 460 -12.83 -20.44 -26.74
C THR A 460 -12.26 -19.13 -27.20
N GLN A 461 -12.22 -18.13 -26.32
CA GLN A 461 -11.69 -16.83 -26.71
C GLN A 461 -10.87 -16.06 -25.69
N TYR A 462 -10.13 -15.08 -26.20
CA TYR A 462 -9.31 -14.24 -25.36
C TYR A 462 -9.08 -12.98 -26.14
N SER A 463 -8.86 -11.88 -25.44
CA SER A 463 -8.65 -10.60 -26.10
C SER A 463 -7.38 -9.93 -25.61
N THR A 464 -6.98 -8.90 -26.35
CA THR A 464 -5.79 -8.13 -26.04
C THR A 464 -5.96 -6.73 -26.60
N GLY A 465 -5.27 -5.77 -26.01
CA GLY A 465 -5.36 -4.41 -26.48
C GLY A 465 -4.45 -3.55 -25.63
N GLN A 466 -4.43 -2.25 -25.86
CA GLN A 466 -3.60 -1.38 -25.05
C GLN A 466 -4.49 -0.55 -24.13
N VAL A 467 -3.86 0.06 -23.13
CA VAL A 467 -4.56 0.91 -22.21
C VAL A 467 -3.56 1.96 -21.77
N SER A 468 -4.06 3.16 -21.51
CA SER A 468 -3.19 4.22 -21.07
C SER A 468 -3.84 5.06 -19.96
N VAL A 469 -3.01 5.38 -18.97
CA VAL A 469 -3.47 6.17 -17.84
C VAL A 469 -2.64 7.42 -17.78
N GLN A 470 -3.33 8.52 -17.51
CA GLN A 470 -2.70 9.81 -17.40
C GLN A 470 -3.12 10.42 -16.08
N ILE A 471 -2.15 10.74 -15.24
CA ILE A 471 -2.48 11.33 -13.96
C ILE A 471 -1.75 12.64 -13.82
N ASP A 472 -2.47 13.65 -13.37
CA ASP A 472 -1.91 14.96 -13.17
C ASP A 472 -1.58 15.08 -11.71
N TRP A 473 -0.29 15.24 -11.41
CA TRP A 473 0.16 15.33 -10.04
C TRP A 473 0.53 16.75 -9.65
N GLU A 474 0.03 17.18 -8.52
CA GLU A 474 0.33 18.51 -8.01
C GLU A 474 1.50 18.30 -7.06
N ILE A 475 2.58 19.05 -7.25
CA ILE A 475 3.73 18.91 -6.40
C ILE A 475 4.14 20.27 -5.86
N GLN A 476 4.78 20.29 -4.71
CA GLN A 476 5.21 21.56 -4.14
C GLN A 476 6.71 21.61 -3.95
N LYS A 477 7.37 22.60 -4.55
CA LYS A 477 8.81 22.72 -4.42
C LYS A 477 9.07 23.10 -2.98
N GLU A 478 10.31 22.88 -2.54
CA GLU A 478 10.72 23.14 -1.17
C GLU A 478 10.83 24.61 -0.68
N ARG A 479 12.00 25.22 -0.84
CA ARG A 479 12.23 26.59 -0.40
C ARG A 479 12.63 26.65 1.08
N SER A 480 13.66 25.91 1.45
CA SER A 480 14.20 26.00 2.82
C SER A 480 15.41 26.89 2.86
N LYS A 481 15.76 27.37 4.04
CA LYS A 481 16.93 28.23 4.17
C LYS A 481 18.06 27.39 4.75
N ARG A 482 17.93 26.07 4.63
CA ARG A 482 18.96 25.16 5.10
C ARG A 482 20.22 25.51 4.33
N TRP A 483 21.36 25.53 5.01
CA TRP A 483 22.61 25.89 4.37
C TRP A 483 23.40 24.73 3.80
N ASN A 484 23.62 23.71 4.64
CA ASN A 484 24.37 22.53 4.23
C ASN A 484 23.63 21.70 3.19
N PRO A 485 24.35 20.99 2.33
CA PRO A 485 23.71 20.18 1.29
C PRO A 485 22.78 19.14 1.89
N GLU A 486 21.77 18.76 1.12
CA GLU A 486 20.79 17.78 1.57
C GLU A 486 21.13 16.39 1.05
N VAL A 487 20.46 15.40 1.62
CA VAL A 487 20.67 14.03 1.20
C VAL A 487 19.89 13.89 -0.09
N GLN A 488 20.28 12.96 -0.94
CA GLN A 488 19.59 12.81 -2.21
C GLN A 488 19.63 11.39 -2.74
N PHE A 489 18.60 11.01 -3.49
CA PHE A 489 18.60 9.67 -4.05
C PHE A 489 19.63 9.72 -5.17
N THR A 490 20.70 8.94 -5.03
CA THR A 490 21.76 8.89 -6.03
C THR A 490 21.90 7.50 -6.55
N SER A 491 22.54 7.36 -7.72
CA SER A 491 22.76 6.05 -8.30
C SER A 491 23.69 5.29 -7.34
N ASN A 492 24.99 5.53 -7.44
CA ASN A 492 25.97 4.88 -6.55
C ASN A 492 25.97 3.34 -6.47
N TYR A 493 25.39 2.65 -7.44
CA TYR A 493 25.40 1.20 -7.39
C TYR A 493 26.74 0.65 -7.83
N GLY A 494 27.72 1.55 -7.92
CA GLY A 494 29.07 1.19 -8.32
C GLY A 494 29.14 0.54 -9.70
N GLN A 495 30.24 -0.16 -9.96
CA GLN A 495 30.42 -0.83 -11.24
C GLN A 495 29.42 -1.97 -11.30
N GLN A 496 29.09 -2.41 -12.50
CA GLN A 496 28.15 -3.50 -12.63
C GLN A 496 28.28 -4.20 -13.98
N ASN A 497 27.86 -5.45 -14.01
CA ASN A 497 27.93 -6.24 -15.23
C ASN A 497 26.78 -5.93 -16.16
N SER A 498 25.59 -5.79 -15.57
CA SER A 498 24.40 -5.43 -16.32
C SER A 498 23.77 -4.27 -15.55
N LEU A 499 23.77 -3.11 -16.18
CA LEU A 499 23.25 -1.89 -15.57
C LEU A 499 22.01 -2.15 -14.76
N LEU A 500 21.90 -1.45 -13.64
CA LEU A 500 20.74 -1.61 -12.79
C LEU A 500 19.57 -0.75 -13.24
N TRP A 501 18.36 -1.17 -12.87
CA TRP A 501 17.15 -0.43 -13.26
C TRP A 501 17.08 -0.46 -14.78
N ALA A 502 17.49 -1.58 -15.37
CA ALA A 502 17.47 -1.77 -16.82
C ALA A 502 17.42 -3.26 -17.08
N PRO A 503 16.87 -3.67 -18.23
CA PRO A 503 16.81 -5.10 -18.50
C PRO A 503 18.21 -5.72 -18.49
N ASP A 504 18.30 -7.02 -18.17
CA ASP A 504 19.59 -7.69 -18.15
C ASP A 504 19.91 -8.19 -19.54
N ALA A 505 20.88 -9.11 -19.63
CA ALA A 505 21.28 -9.65 -20.92
C ALA A 505 20.20 -10.56 -21.50
N ALA A 506 19.41 -11.13 -20.60
CA ALA A 506 18.33 -12.04 -20.98
C ALA A 506 17.04 -11.30 -21.31
N GLY A 507 17.07 -10.00 -21.10
CA GLY A 507 15.90 -9.19 -21.39
C GLY A 507 14.86 -9.18 -20.28
N LYS A 508 15.30 -9.24 -19.03
CA LYS A 508 14.36 -9.22 -17.92
C LYS A 508 14.54 -7.95 -17.09
N TYR A 509 13.46 -7.23 -16.88
CA TYR A 509 13.54 -5.99 -16.09
C TYR A 509 13.22 -6.36 -14.66
N THR A 510 14.07 -5.90 -13.74
CA THR A 510 13.90 -6.17 -12.32
C THR A 510 14.29 -4.94 -11.51
N GLU A 511 13.52 -4.66 -10.47
CA GLU A 511 13.80 -3.50 -9.64
C GLU A 511 14.78 -3.81 -8.51
N PRO A 512 15.96 -3.24 -8.57
CA PRO A 512 17.06 -3.38 -7.61
C PRO A 512 16.70 -3.16 -6.16
N ARG A 513 16.19 -1.98 -5.84
CA ARG A 513 15.85 -1.67 -4.46
C ARG A 513 14.48 -1.02 -4.39
N ALA A 514 14.14 -0.57 -3.20
CA ALA A 514 12.88 0.13 -3.02
C ALA A 514 13.31 1.57 -2.83
N ILE A 515 12.52 2.50 -3.35
CA ILE A 515 12.85 3.92 -3.23
C ILE A 515 11.79 4.64 -2.41
N GLY A 516 12.26 5.42 -1.44
CA GLY A 516 11.37 6.16 -0.58
C GLY A 516 11.00 7.49 -1.19
N THR A 517 10.84 8.48 -0.33
CA THR A 517 10.47 9.78 -0.83
C THR A 517 11.06 10.84 0.08
N ARG A 518 11.32 10.46 1.33
CA ARG A 518 11.87 11.38 2.31
C ARG A 518 13.39 11.55 2.30
N TYR A 519 13.90 12.26 1.30
CA TYR A 519 15.33 12.53 1.21
C TYR A 519 15.56 13.97 1.63
N LEU A 520 14.62 14.84 1.25
CA LEU A 520 14.74 16.24 1.61
C LEU A 520 14.38 16.44 3.09
N THR A 521 14.68 17.61 3.61
CA THR A 521 14.45 17.90 5.01
C THR A 521 13.71 19.19 5.34
N HIS A 522 12.86 19.14 6.37
CA HIS A 522 12.15 20.34 6.84
C HIS A 522 12.23 20.21 8.36
N HIS A 523 12.26 21.33 9.07
CA HIS A 523 12.31 21.30 10.53
C HIS A 523 10.90 21.05 11.09
N LEU A 524 10.73 21.25 12.39
CA LEU A 524 9.43 21.05 12.99
C LEU A 524 8.75 22.39 13.29
#